data_4HL4
#
_entry.id   4HL4
#
_cell.length_a   73.550
_cell.length_b   73.550
_cell.length_c   113.000
_cell.angle_alpha   90.00
_cell.angle_beta   90.00
_cell.angle_gamma   120.00
#
_symmetry.space_group_name_H-M   'P 31 2 1'
#
loop_
_entity.id
_entity.type
_entity.pdbx_description
1 polymer 'TBC1 domain family member 20'
2 non-polymer 'BERYLLIUM TRIFLUORIDE ION'
3 non-polymer 'ACETATE ION'
4 water water
#
_entity_poly.entity_id   1
_entity_poly.type   'polypeptide(L)'
_entity_poly.pdbx_seq_one_letter_code
;GHWDGGAEKADFNAKRKKKVAEIHQALNSDPTDVAALRRMAISEGGLLTDEIRRKVWPKLLNVNANDPPPISGKNLRQMS
KDYQQVLLDVRRSLRRFPPGMPEEQREGLQEELIDIILLILERNPQLHYYQGYHDIVVTFLLVVGERLATSLVEKLSTHH
LRDFMDPTMDNTKHILNYLMPIIDQVNPELHDFMQSAEVGTIFALSWLITWFGHVLSDFRHVVRLYDFFLACHPLMPIYF
AAVIVLYREQEVLDCDCDMASVHHLLSQIPQDLPYETLISRAGDLFVQFPPS
;
_entity_poly.pdbx_strand_id   A
#
# COMPACT_ATOMS: atom_id res chain seq x y z
N PHE A 12 -2.70 -5.83 24.22
CA PHE A 12 -2.24 -5.74 25.66
C PHE A 12 -1.10 -4.71 25.78
N ASN A 13 -0.98 -4.08 26.95
CA ASN A 13 0.06 -3.07 27.23
C ASN A 13 1.43 -3.63 27.68
N ALA A 14 1.41 -4.76 28.40
CA ALA A 14 2.62 -5.52 28.76
C ALA A 14 3.35 -6.06 27.51
N LYS A 15 2.57 -6.63 26.58
CA LYS A 15 3.08 -7.11 25.30
C LYS A 15 3.67 -6.00 24.43
N ARG A 16 3.05 -4.82 24.47
CA ARG A 16 3.50 -3.69 23.67
C ARG A 16 4.88 -3.22 24.16
N LYS A 17 5.06 -3.17 25.48
CA LYS A 17 6.34 -2.77 26.08
C LYS A 17 7.46 -3.70 25.67
N LYS A 18 7.16 -5.01 25.64
CA LYS A 18 8.10 -6.04 25.24
C LYS A 18 8.44 -5.95 23.75
N LYS A 19 7.43 -5.62 22.93
CA LYS A 19 7.64 -5.52 21.49
C LYS A 19 8.49 -4.26 21.22
N VAL A 20 8.19 -3.18 21.94
CA VAL A 20 8.93 -1.92 21.76
C VAL A 20 10.42 -2.11 22.12
N ALA A 21 10.70 -2.84 23.18
CA ALA A 21 12.08 -3.12 23.60
C ALA A 21 12.81 -4.12 22.67
N GLU A 22 12.08 -5.07 22.13
CA GLU A 22 12.61 -5.92 21.12
C GLU A 22 12.95 -5.16 19.82
N ILE A 23 12.11 -4.21 19.39
CA ILE A 23 12.44 -3.36 18.24
C ILE A 23 13.73 -2.55 18.53
N HIS A 24 13.84 -1.95 19.71
CA HIS A 24 15.03 -1.21 20.10
C HIS A 24 16.30 -2.04 20.18
N GLN A 25 16.18 -3.24 20.77
CA GLN A 25 17.29 -4.21 20.71
C GLN A 25 17.73 -4.52 19.26
N ALA A 26 16.77 -4.78 18.36
CA ALA A 26 17.11 -5.06 16.94
C ALA A 26 17.77 -3.88 16.25
N LEU A 27 17.32 -2.65 16.54
CA LEU A 27 17.95 -1.44 15.92
C LEU A 27 19.33 -1.18 16.46
N ASN A 28 19.52 -1.44 17.74
CA ASN A 28 20.83 -1.24 18.34
C ASN A 28 21.85 -2.42 18.24
N SER A 29 21.50 -3.49 17.52
CA SER A 29 22.38 -4.65 17.37
C SER A 29 23.35 -4.39 16.25
N ASP A 30 24.44 -5.16 16.25
CA ASP A 30 25.29 -5.41 15.05
C ASP A 30 25.46 -6.93 14.77
N PRO A 31 25.07 -7.34 13.55
CA PRO A 31 24.51 -6.48 12.50
C PRO A 31 23.09 -5.96 12.93
N THR A 32 22.52 -4.92 12.30
CA THR A 32 21.07 -4.57 12.60
C THR A 32 20.25 -5.84 12.46
N ASP A 33 19.49 -6.22 13.47
CA ASP A 33 18.71 -7.45 13.36
C ASP A 33 17.42 -7.17 12.54
N VAL A 34 17.58 -6.91 11.24
CA VAL A 34 16.46 -6.71 10.32
CA VAL A 34 16.42 -6.66 10.39
C VAL A 34 15.41 -7.85 10.35
N ALA A 35 15.87 -9.09 10.60
CA ALA A 35 14.93 -10.22 10.61
C ALA A 35 13.92 -10.08 11.76
N ALA A 36 14.41 -9.70 12.96
CA ALA A 36 13.51 -9.45 14.07
C ALA A 36 12.53 -8.28 13.70
N LEU A 37 12.97 -7.28 12.95
CA LEU A 37 12.12 -6.16 12.53
C LEU A 37 11.03 -6.57 11.53
N ARG A 38 11.33 -7.42 10.53
CA ARG A 38 10.23 -7.98 9.74
C ARG A 38 9.26 -8.73 10.60
N ARG A 39 9.74 -9.61 11.47
CA ARG A 39 8.81 -10.36 12.30
C ARG A 39 7.90 -9.38 12.98
N MET A 40 8.46 -8.33 13.57
CA MET A 40 7.70 -7.38 14.36
C MET A 40 6.69 -6.65 13.47
N ALA A 41 7.10 -6.30 12.25
CA ALA A 41 6.25 -5.59 11.31
C ALA A 41 5.11 -6.52 10.90
N ILE A 42 5.40 -7.81 10.77
CA ILE A 42 4.36 -8.77 10.36
C ILE A 42 3.38 -9.06 11.52
N SER A 43 3.88 -9.20 12.72
CA SER A 43 3.06 -9.58 13.90
C SER A 43 2.10 -8.51 14.40
N GLU A 44 1.22 -8.87 15.33
CA GLU A 44 0.04 -8.05 15.65
C GLU A 44 0.39 -6.62 16.05
N GLY A 45 -0.32 -5.66 15.48
CA GLY A 45 -0.01 -4.26 15.69
C GLY A 45 1.13 -3.71 14.84
N GLY A 46 1.84 -4.58 14.13
CA GLY A 46 2.97 -4.15 13.35
C GLY A 46 3.94 -3.32 14.19
N LEU A 47 4.56 -2.31 13.56
CA LEU A 47 5.64 -1.49 14.19
C LEU A 47 4.74 -0.55 14.90
N LEU A 48 5.05 0.16 15.92
CA LEU A 48 3.70 0.48 16.62
C LEU A 48 3.32 1.92 16.37
N THR A 49 4.36 2.66 16.02
CA THR A 49 4.36 4.10 16.00
C THR A 49 5.18 4.60 14.81
N ASP A 50 4.80 5.77 14.36
CA ASP A 50 5.47 6.46 13.32
C ASP A 50 6.94 6.79 13.64
N GLU A 51 7.23 7.08 14.90
CA GLU A 51 8.59 7.30 15.34
C GLU A 51 9.42 6.03 15.14
N ILE A 52 8.87 4.87 15.54
CA ILE A 52 9.49 3.58 15.24
C ILE A 52 9.60 3.36 13.70
N ARG A 53 8.53 3.60 12.96
CA ARG A 53 8.59 3.46 11.46
C ARG A 53 9.63 4.35 10.76
N ARG A 54 9.87 5.56 11.26
CA ARG A 54 10.91 6.40 10.66
C ARG A 54 12.27 5.69 10.76
N LYS A 55 12.45 4.87 11.77
CA LYS A 55 13.73 4.12 11.89
C LYS A 55 13.68 2.81 11.15
N VAL A 56 12.52 2.14 11.19
CA VAL A 56 12.41 0.77 10.66
C VAL A 56 12.08 0.66 9.19
N TRP A 57 11.18 1.49 8.68
CA TRP A 57 10.81 1.31 7.27
C TRP A 57 12.02 1.36 6.34
N PRO A 58 12.97 2.27 6.58
CA PRO A 58 14.13 2.24 5.63
C PRO A 58 14.92 0.92 5.69
N LYS A 59 14.93 0.23 6.84
CA LYS A 59 15.56 -1.08 6.92
C LYS A 59 14.79 -2.10 6.12
N LEU A 60 13.44 -2.10 6.20
CA LEU A 60 12.64 -3.04 5.46
C LEU A 60 12.81 -2.88 3.99
N LEU A 61 12.95 -1.63 3.49
CA LEU A 61 13.19 -1.45 2.04
C LEU A 61 14.68 -1.51 1.64
N ASN A 62 15.57 -1.76 2.61
CA ASN A 62 17.03 -1.75 2.36
C ASN A 62 17.45 -0.40 1.73
N VAL A 63 16.96 0.70 2.27
CA VAL A 63 17.50 1.97 1.80
C VAL A 63 18.30 2.67 2.90
N ASN A 64 19.46 3.19 2.56
CA ASN A 64 20.27 3.87 3.56
C ASN A 64 20.08 5.42 3.61
N ALA A 65 20.29 6.02 4.82
CA ALA A 65 20.78 7.42 4.97
C ALA A 65 21.94 7.68 3.98
N ASN A 66 21.64 8.44 2.94
CA ASN A 66 22.41 8.40 1.73
C ASN A 66 22.52 9.84 1.35
N ASP A 67 23.11 10.10 0.19
CA ASP A 67 23.13 11.42 -0.42
C ASP A 67 21.68 11.91 -0.47
N PRO A 68 21.29 12.87 0.41
CA PRO A 68 19.88 13.29 0.40
C PRO A 68 19.53 13.70 -1.03
N PRO A 69 18.43 13.14 -1.60
CA PRO A 69 18.33 12.99 -3.05
C PRO A 69 18.92 14.23 -3.73
N PRO A 70 20.01 14.05 -4.53
CA PRO A 70 20.57 15.22 -5.23
C PRO A 70 19.43 16.23 -5.40
N ILE A 71 19.49 17.33 -4.63
CA ILE A 71 18.34 18.24 -4.51
C ILE A 71 17.44 18.23 -5.74
N SER A 72 16.15 18.50 -5.54
CA SER A 72 15.36 18.96 -6.67
C SER A 72 16.21 20.04 -7.37
N GLY A 73 16.30 19.98 -8.70
CA GLY A 73 16.82 21.13 -9.46
C GLY A 73 15.92 22.34 -9.20
N LYS A 74 16.33 23.49 -9.71
CA LYS A 74 15.48 24.65 -9.66
C LYS A 74 14.34 24.47 -10.69
N ASN A 75 13.23 25.16 -10.51
CA ASN A 75 12.16 25.06 -11.49
C ASN A 75 11.59 23.65 -11.68
N LEU A 76 11.44 22.91 -10.61
CA LEU A 76 10.93 21.56 -10.74
C LEU A 76 9.52 21.59 -11.28
N ARG A 77 8.68 22.41 -10.67
CA ARG A 77 7.28 22.50 -11.09
C ARG A 77 7.11 22.96 -12.54
N GLN A 78 7.90 23.95 -12.94
CA GLN A 78 7.85 24.58 -14.24
C GLN A 78 8.21 23.57 -15.32
N MET A 79 9.16 22.67 -15.04
CA MET A 79 9.53 21.65 -16.03
C MET A 79 8.74 20.32 -15.86
N SER A 80 7.83 20.21 -14.88
CA SER A 80 7.04 18.97 -14.76
C SER A 80 5.76 18.98 -15.63
N LYS A 81 5.73 18.14 -16.66
CA LYS A 81 4.51 18.04 -17.50
C LYS A 81 3.24 17.54 -16.74
N ASP A 82 3.46 16.83 -15.62
CA ASP A 82 2.34 16.32 -14.81
C ASP A 82 1.89 17.27 -13.70
N TYR A 83 2.54 18.43 -13.57
CA TYR A 83 2.12 19.39 -12.50
C TYR A 83 0.56 19.64 -12.38
N GLN A 84 -0.11 19.93 -13.50
CA GLN A 84 -1.57 20.22 -13.44
C GLN A 84 -2.33 18.98 -12.95
N GLN A 85 -1.96 17.82 -13.48
CA GLN A 85 -2.60 16.59 -13.00
C GLN A 85 -2.39 16.34 -11.50
N VAL A 86 -1.14 16.38 -11.08
CA VAL A 86 -0.77 16.21 -9.65
C VAL A 86 -1.42 17.25 -8.70
N LEU A 87 -1.51 18.51 -9.12
CA LEU A 87 -2.17 19.54 -8.36
C LEU A 87 -3.66 19.25 -8.17
N LEU A 88 -4.31 18.86 -9.26
CA LEU A 88 -5.68 18.41 -9.23
C LEU A 88 -5.86 17.20 -8.28
N ASP A 89 -5.10 16.12 -8.47
CA ASP A 89 -5.20 14.97 -7.56
C ASP A 89 -5.00 15.35 -6.05
N VAL A 90 -3.94 16.09 -5.76
CA VAL A 90 -3.60 16.45 -4.39
C VAL A 90 -4.70 17.32 -3.69
N ARG A 91 -5.26 18.27 -4.43
CA ARG A 91 -6.33 19.13 -3.96
C ARG A 91 -7.58 18.33 -3.59
N ARG A 92 -7.95 17.37 -4.41
CA ARG A 92 -8.97 16.37 -4.04
C ARG A 92 -8.45 15.26 -3.10
N SER A 93 -7.43 15.49 -2.27
CA SER A 93 -7.07 14.46 -1.30
C SER A 93 -7.12 14.83 0.19
N LEU A 94 -7.59 16.03 0.53
CA LEU A 94 -7.80 16.46 1.95
C LEU A 94 -8.26 15.38 3.00
N ARG A 95 -9.16 14.50 2.56
CA ARG A 95 -9.65 13.38 3.39
C ARG A 95 -8.54 12.47 3.94
N ARG A 96 -7.40 12.39 3.27
CA ARG A 96 -6.23 11.59 3.76
C ARG A 96 -5.55 12.10 5.05
N PHE A 97 -5.82 13.37 5.40
CA PHE A 97 -5.24 14.12 6.55
C PHE A 97 -6.12 14.08 7.79
N PRO A 98 -5.49 14.04 8.99
CA PRO A 98 -6.24 14.04 10.27
C PRO A 98 -7.20 15.24 10.28
N PRO A 99 -8.50 14.98 10.53
CA PRO A 99 -9.47 16.09 10.56
C PRO A 99 -9.09 17.13 11.62
N GLY A 100 -8.26 16.74 12.59
CA GLY A 100 -7.80 17.69 13.61
C GLY A 100 -6.69 18.64 13.13
N MET A 101 -6.03 18.29 12.01
CA MET A 101 -4.86 19.03 11.48
C MET A 101 -5.17 20.47 11.00
N PRO A 102 -4.49 21.48 11.61
CA PRO A 102 -4.76 22.88 11.20
C PRO A 102 -4.63 23.04 9.70
N GLU A 103 -5.48 23.90 9.14
CA GLU A 103 -5.48 24.16 7.73
C GLU A 103 -4.07 24.49 7.19
N GLU A 104 -3.37 25.43 7.83
CA GLU A 104 -2.04 25.83 7.39
C GLU A 104 -1.04 24.67 7.31
N GLN A 105 -0.99 23.84 8.35
CA GLN A 105 -0.13 22.69 8.38
C GLN A 105 -0.51 21.76 7.23
N ARG A 106 -1.78 21.59 6.98
CA ARG A 106 -2.21 20.70 5.91
C ARG A 106 -1.79 21.24 4.55
N GLU A 107 -1.96 22.52 4.30
CA GLU A 107 -1.54 23.12 3.01
C GLU A 107 -0.02 23.07 2.71
N GLY A 108 0.81 23.16 3.75
CA GLY A 108 2.24 22.90 3.58
C GLY A 108 2.51 21.45 3.16
N LEU A 109 1.82 20.50 3.78
CA LEU A 109 1.99 19.08 3.43
C LEU A 109 1.52 18.81 2.00
N GLN A 110 0.47 19.49 1.60
CA GLN A 110 0.05 19.40 0.20
C GLN A 110 1.10 19.93 -0.76
N GLU A 111 1.76 21.03 -0.41
CA GLU A 111 2.87 21.56 -1.21
C GLU A 111 4.00 20.51 -1.28
N GLU A 112 4.38 19.90 -0.15
CA GLU A 112 5.46 18.88 -0.22
C GLU A 112 5.04 17.59 -0.97
N LEU A 113 3.78 17.24 -0.88
CA LEU A 113 3.28 16.07 -1.51
C LEU A 113 3.43 16.25 -3.05
N ILE A 114 3.05 17.41 -3.54
CA ILE A 114 3.24 17.70 -4.94
C ILE A 114 4.73 17.60 -5.31
N ASP A 115 5.59 18.23 -4.56
CA ASP A 115 7.09 18.20 -4.85
C ASP A 115 7.72 16.80 -4.80
N ILE A 116 7.30 15.97 -3.86
CA ILE A 116 7.81 14.59 -3.77
C ILE A 116 7.47 13.83 -5.06
N ILE A 117 6.21 13.93 -5.48
CA ILE A 117 5.78 13.14 -6.61
C ILE A 117 6.52 13.63 -7.82
N LEU A 118 6.51 14.94 -8.00
CA LEU A 118 7.15 15.51 -9.16
C LEU A 118 8.69 15.21 -9.21
N LEU A 119 9.36 15.19 -8.04
CA LEU A 119 10.81 14.92 -7.97
C LEU A 119 11.11 13.47 -8.39
N ILE A 120 10.37 12.54 -7.83
CA ILE A 120 10.53 11.14 -8.25
C ILE A 120 10.29 10.93 -9.73
N LEU A 121 9.22 11.56 -10.27
CA LEU A 121 8.98 11.44 -11.72
C LEU A 121 10.18 11.97 -12.54
N GLU A 122 10.74 13.09 -12.08
CA GLU A 122 11.86 13.71 -12.81
C GLU A 122 13.14 12.83 -12.73
N ARG A 123 13.43 12.31 -11.55
CA ARG A 123 14.59 11.43 -11.38
C ARG A 123 14.41 10.12 -12.15
N ASN A 124 13.16 9.71 -12.41
CA ASN A 124 12.91 8.41 -13.05
C ASN A 124 12.00 8.46 -14.29
N PRO A 125 12.54 8.91 -15.45
CA PRO A 125 11.68 9.15 -16.64
C PRO A 125 11.01 7.89 -17.25
N GLN A 126 11.49 6.71 -16.88
CA GLN A 126 10.80 5.51 -17.25
C GLN A 126 9.45 5.32 -16.45
N LEU A 127 9.22 6.12 -15.41
CA LEU A 127 8.00 5.97 -14.59
C LEU A 127 6.93 6.95 -15.06
N HIS A 128 5.69 6.46 -15.11
CA HIS A 128 4.52 7.24 -15.50
C HIS A 128 3.60 7.38 -14.33
N TYR A 129 3.29 8.64 -13.99
CA TYR A 129 2.37 8.91 -12.90
C TYR A 129 1.03 8.17 -13.20
N TYR A 130 0.32 7.73 -12.19
CA TYR A 130 -1.07 7.26 -12.34
C TYR A 130 -1.91 7.88 -11.19
N GLN A 131 -3.17 8.06 -11.46
CA GLN A 131 -4.12 8.56 -10.45
C GLN A 131 -4.25 7.59 -9.29
N GLY A 132 -3.89 8.01 -8.08
CA GLY A 132 -3.92 7.16 -6.91
C GLY A 132 -2.51 7.03 -6.34
N TYR A 133 -1.51 7.40 -7.13
CA TYR A 133 -0.13 7.30 -6.63
C TYR A 133 0.03 8.20 -5.42
N HIS A 134 -0.64 9.35 -5.45
CA HIS A 134 -0.54 10.26 -4.35
C HIS A 134 -1.13 9.69 -3.09
N ASP A 135 -2.01 8.67 -3.16
CA ASP A 135 -2.45 8.03 -1.91
C ASP A 135 -1.33 7.21 -1.20
N ILE A 136 -0.42 6.66 -1.98
CA ILE A 136 0.78 6.04 -1.37
C ILE A 136 1.76 7.11 -0.85
N VAL A 137 2.01 8.12 -1.66
CA VAL A 137 3.04 9.05 -1.30
C VAL A 137 2.62 9.82 -0.02
N VAL A 138 1.34 10.15 0.13
CA VAL A 138 0.93 10.98 1.25
C VAL A 138 1.01 10.24 2.57
N THR A 139 0.77 8.95 2.47
CA THR A 139 0.90 8.10 3.64
C THR A 139 2.36 8.12 4.18
N PHE A 140 3.31 7.97 3.28
CA PHE A 140 4.70 8.02 3.64
C PHE A 140 5.03 9.45 4.18
N LEU A 141 4.66 10.50 3.44
CA LEU A 141 4.91 11.84 3.90
C LEU A 141 4.34 12.04 5.33
N LEU A 142 3.13 11.58 5.58
CA LEU A 142 2.60 11.76 6.92
C LEU A 142 3.43 10.95 7.98
N VAL A 143 3.84 9.74 7.64
CA VAL A 143 4.56 8.90 8.63
C VAL A 143 5.99 9.35 8.90
N VAL A 144 6.80 9.55 7.84
CA VAL A 144 8.22 9.71 7.93
C VAL A 144 8.74 11.08 7.48
N GLY A 145 7.87 11.99 6.99
CA GLY A 145 8.37 13.29 6.61
C GLY A 145 8.86 13.25 5.17
N GLU A 146 9.07 14.43 4.60
CA GLU A 146 9.34 14.60 3.20
C GLU A 146 10.65 13.96 2.60
N ARG A 147 11.79 14.07 3.29
CA ARG A 147 13.03 13.53 2.70
C ARG A 147 13.00 12.01 2.68
N LEU A 148 12.60 11.41 3.79
CA LEU A 148 12.56 10.01 3.81
C LEU A 148 11.40 9.54 2.93
N ALA A 149 10.26 10.28 2.88
CA ALA A 149 9.18 9.79 2.00
C ALA A 149 9.67 9.68 0.60
N THR A 150 10.48 10.65 0.19
CA THR A 150 11.01 10.67 -1.18
C THR A 150 11.90 9.46 -1.42
N SER A 151 12.87 9.20 -0.55
CA SER A 151 13.77 8.10 -0.89
C SER A 151 13.09 6.74 -0.72
N LEU A 152 12.21 6.58 0.24
CA LEU A 152 11.46 5.33 0.31
C LEU A 152 10.49 5.08 -0.86
N VAL A 153 9.72 6.11 -1.26
CA VAL A 153 8.74 5.90 -2.30
C VAL A 153 9.43 5.69 -3.61
N GLU A 154 10.54 6.43 -3.84
CA GLU A 154 11.31 6.21 -5.03
C GLU A 154 11.73 4.71 -5.17
N LYS A 155 12.20 4.12 -4.06
CA LYS A 155 12.59 2.69 -4.06
C LYS A 155 11.34 1.80 -4.36
N LEU A 156 10.23 2.15 -3.75
CA LEU A 156 8.99 1.47 -4.03
C LEU A 156 8.52 1.60 -5.48
N SER A 157 8.80 2.74 -6.09
CA SER A 157 8.26 3.10 -7.39
C SER A 157 8.94 2.31 -8.46
N THR A 158 10.23 2.00 -8.23
CA THR A 158 11.04 1.33 -9.22
C THR A 158 10.98 -0.17 -9.02
N HIS A 159 10.34 -0.60 -7.92
CA HIS A 159 10.20 -2.05 -7.65
C HIS A 159 8.73 -2.47 -7.46
N HIS A 160 8.21 -2.40 -6.25
CA HIS A 160 6.85 -2.87 -5.96
C HIS A 160 5.76 -2.21 -6.84
N LEU A 161 5.92 -0.92 -7.16
CA LEU A 161 4.91 -0.22 -8.01
C LEU A 161 5.29 -0.15 -9.51
N ARG A 162 6.38 -0.75 -9.95
CA ARG A 162 6.87 -0.38 -11.32
C ARG A 162 5.83 -0.61 -12.46
N ASP A 163 5.11 -1.72 -12.39
CA ASP A 163 4.16 -2.07 -13.46
C ASP A 163 3.02 -1.05 -13.53
N PHE A 164 2.55 -0.62 -12.35
CA PHE A 164 1.56 0.47 -12.26
C PHE A 164 2.04 1.73 -12.95
N MET A 165 3.35 1.88 -13.11
CA MET A 165 3.94 3.14 -13.58
C MET A 165 4.56 2.94 -14.91
N ASP A 166 4.35 1.75 -15.41
CA ASP A 166 4.67 1.41 -16.76
C ASP A 166 3.39 1.42 -17.65
N PRO A 167 3.34 2.32 -18.68
CA PRO A 167 2.16 2.39 -19.55
C PRO A 167 2.09 1.27 -20.62
N THR A 168 3.26 0.77 -21.05
CA THR A 168 3.35 -0.45 -21.92
C THR A 168 2.80 -1.69 -21.18
N MET A 169 3.06 -1.76 -19.88
CA MET A 169 2.62 -2.87 -19.03
C MET A 169 1.10 -2.90 -18.87
N ASP A 170 0.49 -4.01 -19.22
CA ASP A 170 -0.95 -4.13 -19.20
C ASP A 170 -1.40 -4.72 -17.84
N ASN A 171 -1.79 -3.85 -16.91
CA ASN A 171 -2.15 -4.21 -15.54
C ASN A 171 -3.19 -5.33 -15.33
N THR A 172 -4.00 -5.61 -16.36
CA THR A 172 -4.92 -6.77 -16.40
C THR A 172 -4.13 -8.10 -16.57
N LYS A 173 -3.15 -8.11 -17.47
CA LYS A 173 -2.08 -9.13 -17.42
C LYS A 173 -1.34 -8.95 -16.08
N HIS A 174 -0.14 -9.48 -15.96
CA HIS A 174 0.73 -9.16 -14.81
C HIS A 174 -0.02 -9.24 -13.49
N ILE A 175 0.15 -8.25 -12.60
CA ILE A 175 -0.42 -8.35 -11.23
C ILE A 175 -1.88 -8.93 -11.09
N LEU A 176 -2.84 -8.50 -11.90
CA LEU A 176 -4.20 -9.01 -11.74
C LEU A 176 -4.36 -10.49 -12.04
N ASN A 177 -3.38 -11.02 -12.76
CA ASN A 177 -3.44 -12.34 -13.36
C ASN A 177 -3.22 -13.42 -12.29
N TYR A 178 -2.90 -12.98 -11.07
CA TYR A 178 -2.62 -13.86 -9.93
C TYR A 178 -3.85 -14.09 -9.12
N LEU A 179 -4.75 -13.11 -9.11
CA LEU A 179 -5.88 -13.14 -8.20
C LEU A 179 -6.78 -14.36 -8.39
N MET A 180 -7.22 -14.63 -9.62
CA MET A 180 -8.15 -15.76 -9.84
C MET A 180 -7.58 -17.14 -9.48
N PRO A 181 -6.36 -17.47 -9.95
CA PRO A 181 -5.85 -18.78 -9.51
C PRO A 181 -5.72 -18.88 -8.00
N ILE A 182 -5.49 -17.76 -7.33
CA ILE A 182 -5.31 -17.79 -5.88
C ILE A 182 -6.61 -18.19 -5.19
N ILE A 183 -7.68 -17.45 -5.50
CA ILE A 183 -9.03 -17.74 -5.05
C ILE A 183 -9.44 -19.18 -5.41
N ASP A 184 -9.13 -19.62 -6.63
CA ASP A 184 -9.41 -20.98 -7.08
C ASP A 184 -8.72 -22.05 -6.23
N GLN A 185 -7.48 -21.80 -5.85
CA GLN A 185 -6.68 -22.74 -5.02
C GLN A 185 -7.39 -23.03 -3.71
N VAL A 186 -8.07 -22.02 -3.18
CA VAL A 186 -8.65 -22.01 -1.83
C VAL A 186 -10.18 -22.25 -1.84
N ASN A 187 -10.87 -21.73 -2.87
CA ASN A 187 -12.35 -21.80 -2.98
C ASN A 187 -12.79 -21.89 -4.44
N PRO A 188 -12.77 -23.10 -5.00
CA PRO A 188 -13.08 -23.26 -6.42
C PRO A 188 -14.53 -22.82 -6.79
N GLU A 189 -15.47 -22.90 -5.85
CA GLU A 189 -16.86 -22.49 -6.10
C GLU A 189 -16.96 -20.99 -6.35
N LEU A 190 -16.34 -20.22 -5.47
CA LEU A 190 -16.33 -18.78 -5.57
C LEU A 190 -15.64 -18.36 -6.87
N HIS A 191 -14.54 -19.06 -7.20
CA HIS A 191 -13.81 -18.86 -8.43
C HIS A 191 -14.77 -19.04 -9.61
N ASP A 192 -15.33 -20.24 -9.72
CA ASP A 192 -16.22 -20.57 -10.81
C ASP A 192 -17.43 -19.60 -10.85
N PHE A 193 -17.94 -19.22 -9.67
CA PHE A 193 -19.06 -18.29 -9.61
C PHE A 193 -18.68 -16.97 -10.25
N MET A 194 -17.56 -16.38 -9.82
CA MET A 194 -17.14 -15.08 -10.32
C MET A 194 -16.77 -15.13 -11.79
N GLN A 195 -16.27 -16.27 -12.27
CA GLN A 195 -16.10 -16.51 -13.71
C GLN A 195 -17.37 -16.27 -14.55
N SER A 196 -18.50 -16.82 -14.10
CA SER A 196 -19.78 -16.74 -14.83
C SER A 196 -20.39 -15.36 -14.72
N ALA A 197 -20.05 -14.65 -13.65
CA ALA A 197 -20.56 -13.30 -13.50
C ALA A 197 -19.84 -12.41 -14.50
N GLU A 198 -18.77 -12.95 -15.07
CA GLU A 198 -17.86 -12.16 -15.93
C GLU A 198 -17.40 -10.85 -15.25
N VAL A 199 -17.18 -10.90 -13.92
CA VAL A 199 -16.85 -9.70 -13.13
C VAL A 199 -15.44 -9.16 -13.39
N GLY A 200 -14.53 -10.03 -13.80
CA GLY A 200 -13.14 -9.64 -14.01
C GLY A 200 -12.43 -9.39 -12.70
N THR A 201 -11.37 -8.60 -12.78
CA THR A 201 -10.47 -8.34 -11.67
C THR A 201 -10.25 -6.85 -11.46
N ILE A 202 -10.81 -6.00 -12.34
CA ILE A 202 -10.62 -4.51 -12.37
C ILE A 202 -11.03 -3.92 -11.03
N PHE A 203 -11.95 -4.56 -10.31
CA PHE A 203 -12.46 -4.08 -9.00
C PHE A 203 -11.36 -4.02 -7.97
N ALA A 204 -10.38 -4.93 -8.10
CA ALA A 204 -9.27 -5.02 -7.18
C ALA A 204 -8.22 -3.98 -7.51
N LEU A 205 -8.25 -3.44 -8.73
CA LEU A 205 -7.10 -2.67 -9.20
C LEU A 205 -6.89 -1.38 -8.39
N SER A 206 -7.98 -0.68 -8.07
CA SER A 206 -7.87 0.54 -7.29
C SER A 206 -7.28 0.23 -5.93
N TRP A 207 -7.73 -0.84 -5.30
CA TRP A 207 -7.09 -1.30 -4.06
C TRP A 207 -5.57 -1.46 -4.18
N LEU A 208 -5.09 -2.11 -5.24
CA LEU A 208 -3.63 -2.44 -5.33
C LEU A 208 -2.80 -1.21 -5.61
N ILE A 209 -3.30 -0.29 -6.45
CA ILE A 209 -2.43 0.81 -6.80
C ILE A 209 -2.41 1.97 -5.74
N THR A 210 -3.35 1.93 -4.81
CA THR A 210 -3.38 2.85 -3.70
C THR A 210 -3.07 2.10 -2.38
N TRP A 211 -2.58 0.85 -2.41
CA TRP A 211 -2.30 0.07 -1.18
C TRP A 211 -3.48 0.14 -0.17
N PHE A 212 -4.70 -0.04 -0.69
CA PHE A 212 -5.89 -0.15 0.12
C PHE A 212 -6.21 1.11 0.98
N GLY A 213 -5.72 2.29 0.58
CA GLY A 213 -6.02 3.48 1.40
C GLY A 213 -7.52 3.79 1.45
N HIS A 214 -8.30 3.22 0.53
CA HIS A 214 -9.73 3.56 0.53
C HIS A 214 -10.52 2.32 0.96
N VAL A 215 -9.80 1.23 1.26
CA VAL A 215 -10.46 0.03 1.79
C VAL A 215 -10.56 0.09 3.33
N LEU A 216 -9.44 0.37 4.03
CA LEU A 216 -9.52 0.53 5.48
C LEU A 216 -9.76 2.01 5.78
N SER A 217 -10.73 2.30 6.65
CA SER A 217 -11.05 3.71 7.00
C SER A 217 -10.01 4.38 7.89
N ASP A 218 -9.72 3.78 9.05
CA ASP A 218 -8.74 4.30 10.02
C ASP A 218 -7.31 4.44 9.41
N PHE A 219 -6.82 5.66 9.28
CA PHE A 219 -5.42 5.94 8.88
C PHE A 219 -4.45 5.09 9.69
N ARG A 220 -4.66 4.94 10.99
CA ARG A 220 -3.81 4.06 11.80
C ARG A 220 -3.77 2.57 11.35
N HIS A 221 -4.88 2.07 10.81
CA HIS A 221 -4.92 0.73 10.23
C HIS A 221 -4.18 0.64 8.90
N VAL A 222 -4.40 1.64 8.04
CA VAL A 222 -3.65 1.75 6.79
C VAL A 222 -2.11 1.67 7.03
N VAL A 223 -1.59 2.42 7.99
CA VAL A 223 -0.14 2.47 8.20
C VAL A 223 0.36 1.11 8.73
N ARG A 224 -0.47 0.43 9.53
CA ARG A 224 -0.08 -0.86 10.02
C ARG A 224 -0.01 -1.87 8.85
N LEU A 225 -0.88 -1.70 7.86
CA LEU A 225 -0.86 -2.53 6.66
C LEU A 225 0.37 -2.27 5.81
N TYR A 226 0.74 -0.99 5.66
CA TYR A 226 2.04 -0.68 5.08
C TYR A 226 3.21 -1.38 5.79
N ASP A 227 3.22 -1.42 7.13
CA ASP A 227 4.24 -2.27 7.85
C ASP A 227 4.30 -3.65 7.20
N PHE A 228 3.13 -4.29 7.09
CA PHE A 228 3.02 -5.66 6.53
C PHE A 228 3.53 -5.73 5.11
N PHE A 229 3.06 -4.83 4.26
CA PHE A 229 3.53 -4.79 2.86
C PHE A 229 5.00 -4.48 2.70
N LEU A 230 5.53 -3.63 3.57
CA LEU A 230 6.97 -3.32 3.47
C LEU A 230 7.80 -4.52 3.90
N ALA A 231 7.26 -5.34 4.79
CA ALA A 231 7.98 -6.52 5.31
C ALA A 231 7.97 -7.66 4.31
N CYS A 232 6.96 -7.67 3.43
CA CYS A 232 6.74 -8.76 2.49
C CYS A 232 7.14 -8.57 1.00
N HIS A 233 7.13 -9.71 0.34
CA HIS A 233 7.42 -9.87 -1.06
C HIS A 233 6.45 -8.91 -1.79
N PRO A 234 6.90 -8.31 -2.92
CA PRO A 234 6.11 -7.27 -3.59
C PRO A 234 4.73 -7.67 -4.09
N LEU A 235 4.44 -8.97 -4.27
CA LEU A 235 3.09 -9.47 -4.71
C LEU A 235 2.13 -9.63 -3.53
N MET A 236 2.58 -9.50 -2.32
CA MET A 236 1.68 -9.66 -1.17
C MET A 236 0.33 -8.87 -1.25
N PRO A 237 0.29 -7.59 -1.75
CA PRO A 237 -1.05 -6.96 -1.82
C PRO A 237 -2.13 -7.76 -2.57
N ILE A 238 -1.75 -8.58 -3.57
CA ILE A 238 -2.73 -9.36 -4.34
C ILE A 238 -3.36 -10.46 -3.50
N TYR A 239 -2.59 -10.95 -2.53
CA TYR A 239 -2.98 -11.99 -1.59
C TYR A 239 -3.87 -11.36 -0.55
N PHE A 240 -3.61 -10.09 -0.23
CA PHE A 240 -4.49 -9.39 0.67
C PHE A 240 -5.83 -9.11 -0.01
N ALA A 241 -5.80 -8.68 -1.28
CA ALA A 241 -7.06 -8.57 -2.04
C ALA A 241 -7.80 -9.91 -2.05
N ALA A 242 -7.11 -10.98 -2.41
CA ALA A 242 -7.72 -12.31 -2.44
C ALA A 242 -8.40 -12.67 -1.14
N VAL A 243 -7.70 -12.38 -0.05
CA VAL A 243 -8.22 -12.76 1.26
C VAL A 243 -9.45 -11.96 1.63
N ILE A 244 -9.53 -10.70 1.18
CA ILE A 244 -10.76 -9.90 1.38
C ILE A 244 -11.95 -10.49 0.61
N VAL A 245 -11.69 -10.91 -0.63
CA VAL A 245 -12.75 -11.47 -1.48
C VAL A 245 -13.27 -12.77 -0.88
N LEU A 246 -12.33 -13.64 -0.53
CA LEU A 246 -12.65 -14.91 0.13
C LEU A 246 -13.40 -14.74 1.46
N TYR A 247 -13.09 -13.65 2.17
CA TYR A 247 -13.78 -13.33 3.43
C TYR A 247 -15.27 -13.08 3.16
N ARG A 248 -15.53 -12.38 2.06
CA ARG A 248 -16.88 -11.98 1.64
C ARG A 248 -17.62 -13.06 0.83
N GLU A 249 -17.14 -14.31 0.94
CA GLU A 249 -17.66 -15.40 0.10
C GLU A 249 -19.19 -15.47 0.10
N GLN A 250 -19.81 -15.58 1.29
CA GLN A 250 -21.29 -15.67 1.45
C GLN A 250 -22.02 -14.57 0.69
N GLU A 251 -21.65 -13.31 0.98
CA GLU A 251 -22.17 -12.14 0.29
C GLU A 251 -22.07 -12.25 -1.23
N VAL A 252 -20.96 -12.75 -1.74
CA VAL A 252 -20.80 -12.94 -3.19
C VAL A 252 -21.61 -14.11 -3.74
N LEU A 253 -21.67 -15.22 -3.01
CA LEU A 253 -22.43 -16.40 -3.42
CA LEU A 253 -22.44 -16.38 -3.48
C LEU A 253 -23.95 -16.17 -3.28
N ASP A 254 -24.33 -15.04 -2.67
CA ASP A 254 -25.74 -14.66 -2.53
C ASP A 254 -26.05 -13.48 -3.45
N CYS A 255 -25.17 -13.23 -4.41
CA CYS A 255 -25.28 -12.07 -5.29
C CYS A 255 -26.04 -12.43 -6.56
N ASP A 256 -26.28 -11.41 -7.38
CA ASP A 256 -27.20 -11.46 -8.49
C ASP A 256 -26.63 -12.09 -9.78
N CYS A 257 -25.46 -12.70 -9.63
CA CYS A 257 -24.60 -13.23 -10.72
C CYS A 257 -24.45 -12.47 -12.05
N ASP A 258 -24.05 -11.20 -12.00
CA ASP A 258 -23.56 -10.51 -13.23
C ASP A 258 -22.47 -9.41 -13.00
N MET A 259 -21.78 -9.06 -14.09
CA MET A 259 -20.67 -8.09 -14.02
CA MET A 259 -20.74 -7.99 -14.19
C MET A 259 -21.05 -6.74 -13.37
N ALA A 260 -22.34 -6.43 -13.25
CA ALA A 260 -22.81 -5.20 -12.59
C ALA A 260 -23.11 -5.40 -11.09
N SER A 261 -23.76 -6.52 -10.75
CA SER A 261 -24.06 -6.90 -9.38
C SER A 261 -22.77 -7.20 -8.64
N VAL A 262 -21.99 -8.14 -9.17
CA VAL A 262 -20.79 -8.61 -8.49
C VAL A 262 -19.86 -7.43 -8.24
N HIS A 263 -19.55 -6.67 -9.30
CA HIS A 263 -18.75 -5.43 -9.18
C HIS A 263 -19.27 -4.52 -8.09
N HIS A 264 -20.58 -4.22 -8.12
CA HIS A 264 -21.20 -3.30 -7.18
C HIS A 264 -20.96 -3.63 -5.70
N LEU A 265 -21.18 -4.90 -5.35
CA LEU A 265 -21.03 -5.38 -4.00
C LEU A 265 -19.57 -5.30 -3.55
N LEU A 266 -18.66 -5.91 -4.33
CA LEU A 266 -17.21 -5.95 -3.97
C LEU A 266 -16.53 -4.58 -3.89
N SER A 267 -16.95 -3.69 -4.76
CA SER A 267 -16.46 -2.32 -4.74
C SER A 267 -16.90 -1.58 -3.46
N GLN A 268 -18.05 -1.94 -2.91
CA GLN A 268 -18.55 -1.32 -1.69
C GLN A 268 -17.95 -2.03 -0.50
N ILE A 269 -17.02 -1.37 0.18
CA ILE A 269 -16.31 -2.05 1.25
C ILE A 269 -17.03 -2.02 2.60
N PRO A 270 -17.13 -3.21 3.25
CA PRO A 270 -17.65 -3.28 4.61
C PRO A 270 -16.85 -2.39 5.56
N GLN A 271 -17.57 -1.78 6.52
CA GLN A 271 -16.91 -1.08 7.63
C GLN A 271 -16.40 -2.14 8.62
N ASP A 272 -15.31 -1.81 9.33
CA ASP A 272 -14.72 -2.71 10.35
C ASP A 272 -14.37 -4.11 9.82
N LEU A 273 -13.43 -4.16 8.87
CA LEU A 273 -12.85 -5.45 8.45
C LEU A 273 -11.85 -5.94 9.52
N PRO A 274 -11.81 -7.26 9.80
CA PRO A 274 -10.86 -7.87 10.75
C PRO A 274 -9.41 -7.94 10.20
N TYR A 275 -8.78 -6.77 10.06
CA TYR A 275 -7.54 -6.62 9.31
C TYR A 275 -6.42 -7.51 9.85
N GLU A 276 -6.31 -7.63 11.17
CA GLU A 276 -5.28 -8.53 11.72
C GLU A 276 -5.46 -10.00 11.29
N THR A 277 -6.71 -10.45 11.22
CA THR A 277 -6.99 -11.83 10.80
C THR A 277 -6.66 -11.98 9.31
N LEU A 278 -7.02 -10.96 8.52
CA LEU A 278 -6.83 -10.99 7.08
C LEU A 278 -5.35 -10.90 6.71
N ILE A 279 -4.60 -10.18 7.53
CA ILE A 279 -3.16 -10.08 7.39
C ILE A 279 -2.57 -11.45 7.66
N SER A 280 -2.92 -12.11 8.79
CA SER A 280 -2.55 -13.55 8.97
C SER A 280 -2.82 -14.46 7.78
N ARG A 281 -4.05 -14.39 7.30
CA ARG A 281 -4.55 -15.27 6.22
C ARG A 281 -3.84 -15.02 4.87
N ALA A 282 -3.49 -13.75 4.64
CA ALA A 282 -2.73 -13.39 3.44
C ALA A 282 -1.32 -14.02 3.51
N GLY A 283 -0.69 -14.04 4.67
CA GLY A 283 0.62 -14.71 4.77
C GLY A 283 0.58 -16.23 4.54
N ASP A 284 -0.41 -16.88 5.16
CA ASP A 284 -0.70 -18.30 4.88
C ASP A 284 -0.98 -18.58 3.40
N LEU A 285 -1.89 -17.82 2.82
CA LEU A 285 -2.20 -18.07 1.42
C LEU A 285 -0.94 -17.90 0.54
N PHE A 286 -0.15 -16.87 0.88
CA PHE A 286 1.10 -16.60 0.16
C PHE A 286 1.98 -17.89 0.18
N VAL A 287 2.20 -18.44 1.37
CA VAL A 287 2.92 -19.74 1.48
C VAL A 287 2.36 -20.87 0.65
N GLN A 288 1.04 -21.09 0.65
CA GLN A 288 0.50 -22.24 -0.07
C GLN A 288 0.48 -22.07 -1.59
N PHE A 289 0.28 -20.83 -2.04
CA PHE A 289 0.31 -20.59 -3.45
C PHE A 289 1.28 -19.43 -3.77
N PRO A 290 2.61 -19.66 -3.66
CA PRO A 290 3.61 -18.61 -3.82
C PRO A 290 3.72 -18.05 -5.26
N PRO A 291 4.32 -16.86 -5.45
CA PRO A 291 4.49 -16.51 -6.86
C PRO A 291 5.64 -17.26 -7.57
#